data_2DYO
#
_entry.id   2DYO
#
_cell.length_a   73.253
_cell.length_b   73.253
_cell.length_c   148.075
_cell.angle_alpha   90.00
_cell.angle_beta   90.00
_cell.angle_gamma   90.00
#
_symmetry.space_group_name_H-M   'P 42 21 2'
#
loop_
_entity.id
_entity.type
_entity.pdbx_description
1 polymer 'Autophagy protein 5'
2 polymer 'Autophagy protein 16'
3 water water
#
loop_
_entity_poly.entity_id
_entity_poly.type
_entity_poly.pdbx_seq_one_letter_code
_entity_poly.pdbx_strand_id
1 'polypeptide(L)'
;GAHMNDIKQLLWNGELNVLVSIDPSFLMKGSPREIAVLRIRVPRETYLVNYMPLIWNKIKSFLSFDPLTDSEKYFWFEHN
KTPIPWNYPVGVLFDCLAGKSATFTTSFENQVKDVLTFLRIHLVMGDSLPPTIIPIASSKTQAEKFWFHQWKQVCFILNG
SSKAIMSLSVNEARKFWGSVITRNFQDFIEISNKISSSRPRHIPLIIQTSRTSGTFRISQPTISMTGVNPTLKDIEGDIL
DVKEGINGNDVMVICQGIEIPWHMLLYDLYSKLRSFDGFLYITLVPIKGGDKASSEL
;
A
2 'polypeptide(L)' MGNFIITERKKAKEERSNPQTDSMDDLLIRRLTDRNDKEAHLNELFQDNSGAIGGNI B
#
# COMPACT_ATOMS: atom_id res chain seq x y z
N HIS A 3 6.70 13.31 -16.97
CA HIS A 3 8.04 12.79 -16.54
C HIS A 3 7.95 11.99 -15.25
N MET A 4 9.08 11.44 -14.81
CA MET A 4 9.13 10.62 -13.60
C MET A 4 8.61 11.31 -12.35
N ASN A 5 9.18 12.46 -11.99
CA ASN A 5 8.73 13.15 -10.79
C ASN A 5 7.27 13.55 -10.82
N ASP A 6 6.76 13.92 -11.99
CA ASP A 6 5.35 14.28 -12.10
C ASP A 6 4.53 13.03 -11.78
N ILE A 7 4.97 11.90 -12.32
CA ILE A 7 4.29 10.63 -12.10
C ILE A 7 4.37 10.28 -10.61
N LYS A 8 5.56 10.37 -10.03
CA LYS A 8 5.73 10.06 -8.61
C LYS A 8 4.90 11.00 -7.73
N GLN A 9 4.70 12.23 -8.19
CA GLN A 9 3.90 13.19 -7.43
C GLN A 9 2.45 12.74 -7.41
N LEU A 10 1.99 12.19 -8.54
CA LEU A 10 0.62 11.69 -8.63
C LEU A 10 0.42 10.50 -7.70
N LEU A 11 1.44 9.65 -7.61
CA LEU A 11 1.35 8.48 -6.74
C LEU A 11 1.38 8.93 -5.28
N TRP A 12 2.19 9.94 -5.00
CA TRP A 12 2.31 10.46 -3.65
C TRP A 12 0.99 11.08 -3.22
N ASN A 13 0.33 11.77 -4.17
CA ASN A 13 -0.96 12.38 -3.89
C ASN A 13 -2.09 11.35 -3.92
N GLY A 14 -1.76 10.11 -4.28
CA GLY A 14 -2.78 9.07 -4.32
C GLY A 14 -3.47 9.05 -2.96
N GLU A 15 -4.79 8.85 -2.95
CA GLU A 15 -5.54 8.90 -1.69
C GLU A 15 -6.91 8.24 -1.82
N LEU A 16 -7.35 7.57 -0.77
CA LEU A 16 -8.63 6.87 -0.76
C LEU A 16 -9.57 7.27 0.36
N ASN A 17 -10.86 7.05 0.13
CA ASN A 17 -11.87 7.30 1.16
C ASN A 17 -11.86 5.99 1.94
N VAL A 18 -11.71 6.06 3.26
CA VAL A 18 -11.69 4.85 4.06
C VAL A 18 -12.67 4.94 5.22
N LEU A 19 -13.55 3.95 5.28
CA LEU A 19 -14.54 3.89 6.34
C LEU A 19 -14.09 2.86 7.37
N VAL A 20 -13.62 3.33 8.52
CA VAL A 20 -13.18 2.42 9.56
C VAL A 20 -14.27 2.20 10.60
N SER A 21 -14.53 0.95 10.93
CA SER A 21 -15.53 0.62 11.93
C SER A 21 -14.85 -0.15 13.04
N ILE A 22 -15.16 0.22 14.28
CA ILE A 22 -14.59 -0.43 15.46
C ILE A 22 -15.58 -1.45 16.00
N ASP A 23 -15.23 -2.72 15.96
CA ASP A 23 -16.14 -3.76 16.46
C ASP A 23 -16.54 -3.46 17.90
N PRO A 24 -17.81 -3.74 18.24
CA PRO A 24 -18.32 -3.49 19.60
C PRO A 24 -17.51 -4.21 20.69
N SER A 25 -16.77 -5.24 20.30
CA SER A 25 -15.96 -5.99 21.25
C SER A 25 -14.98 -5.07 21.98
N PHE A 26 -14.62 -3.96 21.35
CA PHE A 26 -13.69 -2.98 21.94
C PHE A 26 -14.39 -1.95 22.81
N LEU A 27 -15.68 -1.77 22.58
CA LEU A 27 -16.45 -0.75 23.29
C LEU A 27 -17.38 -1.18 24.43
N MET A 28 -17.69 -0.20 25.28
CA MET A 28 -18.57 -0.40 26.41
C MET A 28 -20.02 -0.37 25.92
N LYS A 29 -20.76 -1.41 26.27
CA LYS A 29 -22.16 -1.51 25.86
C LYS A 29 -22.91 -0.22 26.18
N GLY A 30 -23.42 0.43 25.14
CA GLY A 30 -24.16 1.66 25.33
C GLY A 30 -23.48 2.94 24.89
N SER A 31 -22.25 2.84 24.41
CA SER A 31 -21.51 4.03 23.98
C SER A 31 -22.09 4.59 22.69
N PRO A 32 -21.94 5.91 22.47
CA PRO A 32 -22.44 6.60 21.28
C PRO A 32 -22.00 6.00 19.93
N ARG A 33 -22.92 5.99 18.98
CA ARG A 33 -22.68 5.48 17.63
C ARG A 33 -21.40 6.03 16.99
N GLU A 34 -21.29 7.36 16.98
CA GLU A 34 -20.15 8.04 16.38
C GLU A 34 -18.78 7.53 16.82
N ILE A 35 -18.72 6.92 18.00
CA ILE A 35 -17.45 6.40 18.52
C ILE A 35 -16.86 5.28 17.69
N ALA A 36 -17.70 4.35 17.25
CA ALA A 36 -17.24 3.21 16.47
C ALA A 36 -17.09 3.45 14.97
N VAL A 37 -17.07 4.72 14.56
CA VAL A 37 -16.96 5.02 13.13
C VAL A 37 -16.03 6.20 12.83
N LEU A 38 -15.14 6.01 11.87
CA LEU A 38 -14.21 7.06 11.45
C LEU A 38 -14.21 7.14 9.93
N ARG A 39 -14.40 8.35 9.40
CA ARG A 39 -14.42 8.56 7.95
C ARG A 39 -13.22 9.41 7.60
N ILE A 40 -12.18 8.75 7.09
CA ILE A 40 -10.93 9.42 6.78
C ILE A 40 -10.37 9.28 5.37
N ARG A 41 -9.41 10.13 5.06
CA ARG A 41 -8.73 10.10 3.78
C ARG A 41 -7.38 9.48 4.09
N VAL A 42 -7.03 8.44 3.36
CA VAL A 42 -5.77 7.73 3.57
C VAL A 42 -4.97 7.62 2.28
N PRO A 43 -3.68 7.97 2.32
CA PRO A 43 -2.86 7.89 1.12
C PRO A 43 -2.75 6.44 0.66
N ARG A 44 -2.55 6.25 -0.64
CA ARG A 44 -2.37 4.91 -1.17
C ARG A 44 -1.00 4.45 -0.67
N GLU A 45 -0.08 5.40 -0.57
CA GLU A 45 1.28 5.09 -0.14
C GLU A 45 1.51 5.24 1.37
N THR A 46 0.92 4.35 2.15
CA THR A 46 1.10 4.36 3.60
C THR A 46 0.56 3.05 4.14
N TYR A 47 0.54 2.90 5.46
CA TYR A 47 0.01 1.68 6.07
C TYR A 47 -1.20 2.03 6.94
N LEU A 48 -2.16 1.13 7.00
CA LEU A 48 -3.35 1.35 7.82
C LEU A 48 -2.99 1.53 9.28
N VAL A 49 -1.94 0.85 9.70
CA VAL A 49 -1.48 0.89 11.08
C VAL A 49 -1.03 2.29 11.52
N ASN A 50 -0.75 3.17 10.56
CA ASN A 50 -0.36 4.54 10.91
C ASN A 50 -1.55 5.33 11.47
N TYR A 51 -2.73 4.70 11.48
CA TYR A 51 -3.92 5.36 12.00
C TYR A 51 -4.40 4.83 13.35
N MET A 52 -3.59 4.01 14.00
CA MET A 52 -3.97 3.48 15.31
C MET A 52 -4.07 4.59 16.36
N PRO A 53 -3.14 5.56 16.34
CA PRO A 53 -3.19 6.65 17.32
C PRO A 53 -4.52 7.40 17.21
N LEU A 54 -4.93 7.67 15.97
CA LEU A 54 -6.17 8.37 15.69
C LEU A 54 -7.36 7.55 16.21
N ILE A 55 -7.30 6.25 16.01
CA ILE A 55 -8.37 5.35 16.45
C ILE A 55 -8.44 5.30 17.98
N TRP A 56 -7.32 4.98 18.61
CA TRP A 56 -7.28 4.89 20.07
C TRP A 56 -7.76 6.18 20.73
N ASN A 57 -7.24 7.32 20.27
CA ASN A 57 -7.63 8.60 20.84
C ASN A 57 -9.14 8.86 20.81
N LYS A 58 -9.84 8.25 19.86
CA LYS A 58 -11.28 8.47 19.75
C LYS A 58 -12.12 7.53 20.60
N ILE A 59 -11.64 6.31 20.81
CA ILE A 59 -12.39 5.33 21.59
C ILE A 59 -11.87 5.09 23.00
N LYS A 60 -10.76 5.74 23.35
CA LYS A 60 -10.15 5.57 24.67
C LYS A 60 -11.13 5.62 25.83
N SER A 61 -11.93 6.68 25.90
CA SER A 61 -12.89 6.85 26.98
C SER A 61 -14.05 5.85 27.02
N PHE A 62 -14.20 5.03 25.98
CA PHE A 62 -15.30 4.07 25.96
C PHE A 62 -14.87 2.62 25.81
N LEU A 63 -13.58 2.36 25.95
CA LEU A 63 -13.06 1.00 25.82
C LEU A 63 -13.72 0.05 26.80
N SER A 64 -13.80 -1.22 26.41
CA SER A 64 -14.41 -2.24 27.26
C SER A 64 -13.36 -3.02 28.05
N PHE A 65 -12.15 -2.49 28.13
CA PHE A 65 -11.08 -3.18 28.85
C PHE A 65 -9.96 -2.24 29.27
N ASP A 66 -9.06 -2.75 30.10
CA ASP A 66 -7.92 -1.98 30.57
C ASP A 66 -6.82 -2.15 29.53
N PRO A 67 -6.62 -1.12 28.68
CA PRO A 67 -5.60 -1.16 27.63
C PRO A 67 -4.23 -1.57 28.14
N GLU A 72 -5.11 -10.10 26.85
CA GLU A 72 -4.24 -11.00 26.11
C GLU A 72 -4.82 -11.30 24.72
N LYS A 73 -5.62 -10.38 24.20
CA LYS A 73 -6.23 -10.52 22.89
C LYS A 73 -5.33 -9.90 21.82
N TYR A 74 -5.56 -10.27 20.57
CA TYR A 74 -4.79 -9.70 19.47
C TYR A 74 -5.71 -8.80 18.65
N PHE A 75 -5.14 -7.81 17.97
CA PHE A 75 -5.92 -6.88 17.16
C PHE A 75 -5.45 -6.92 15.71
N TRP A 76 -6.42 -6.89 14.79
CA TRP A 76 -6.11 -6.89 13.36
C TRP A 76 -7.27 -6.31 12.56
N PHE A 77 -7.00 -5.97 11.31
CA PHE A 77 -8.03 -5.39 10.44
C PHE A 77 -8.72 -6.43 9.60
N GLU A 78 -9.97 -6.14 9.25
CA GLU A 78 -10.76 -7.03 8.42
C GLU A 78 -11.57 -6.25 7.41
N HIS A 79 -11.90 -6.91 6.31
CA HIS A 79 -12.70 -6.32 5.25
C HIS A 79 -13.70 -7.40 4.87
N ASN A 80 -14.98 -7.10 5.09
CA ASN A 80 -16.04 -8.05 4.81
C ASN A 80 -15.74 -9.39 5.49
N LYS A 81 -15.43 -9.34 6.78
CA LYS A 81 -15.15 -10.54 7.56
C LYS A 81 -13.89 -11.31 7.17
N THR A 82 -13.11 -10.74 6.25
CA THR A 82 -11.87 -11.39 5.81
C THR A 82 -10.64 -10.61 6.29
N PRO A 83 -9.75 -11.28 7.03
CA PRO A 83 -8.54 -10.63 7.55
C PRO A 83 -7.75 -9.94 6.44
N ILE A 84 -7.32 -8.71 6.71
CA ILE A 84 -6.55 -7.94 5.74
C ILE A 84 -5.23 -7.50 6.39
N PRO A 85 -4.09 -7.88 5.79
CA PRO A 85 -2.73 -7.56 6.28
C PRO A 85 -2.41 -6.06 6.29
N TRP A 86 -1.97 -5.54 7.43
CA TRP A 86 -1.63 -4.12 7.48
C TRP A 86 -0.28 -3.84 6.83
N ASN A 87 0.56 -4.86 6.71
CA ASN A 87 1.90 -4.67 6.16
C ASN A 87 2.07 -4.56 4.64
N TYR A 88 1.04 -4.09 3.96
CA TYR A 88 1.11 -3.86 2.52
C TYR A 88 0.59 -2.45 2.33
N PRO A 89 1.11 -1.72 1.33
CA PRO A 89 0.61 -0.36 1.15
C PRO A 89 -0.91 -0.41 0.98
N VAL A 90 -1.58 0.62 1.48
CA VAL A 90 -3.04 0.71 1.38
C VAL A 90 -3.51 0.58 -0.07
N GLY A 91 -2.79 1.20 -0.99
CA GLY A 91 -3.18 1.15 -2.39
C GLY A 91 -3.09 -0.26 -2.96
N VAL A 92 -2.11 -1.03 -2.48
CA VAL A 92 -1.93 -2.41 -2.92
C VAL A 92 -3.06 -3.28 -2.37
N LEU A 93 -3.46 -3.00 -1.13
CA LEU A 93 -4.57 -3.74 -0.53
C LEU A 93 -5.83 -3.42 -1.33
N PHE A 94 -5.98 -2.14 -1.67
CA PHE A 94 -7.14 -1.70 -2.43
C PHE A 94 -7.22 -2.38 -3.80
N ASP A 95 -6.10 -2.39 -4.52
CA ASP A 95 -6.06 -3.00 -5.85
C ASP A 95 -6.45 -4.46 -5.76
N CYS A 96 -5.99 -5.13 -4.72
CA CYS A 96 -6.28 -6.54 -4.53
C CYS A 96 -7.78 -6.76 -4.28
N LEU A 97 -8.42 -5.82 -3.61
CA LEU A 97 -9.85 -5.93 -3.32
C LEU A 97 -10.73 -5.41 -4.44
N ALA A 98 -10.27 -4.38 -5.16
CA ALA A 98 -11.04 -3.78 -6.25
C ALA A 98 -11.21 -4.68 -7.46
N GLY A 99 -10.17 -5.45 -7.78
CA GLY A 99 -10.27 -6.33 -8.93
C GLY A 99 -10.22 -5.53 -10.22
N LYS A 100 -11.05 -5.90 -11.19
CA LYS A 100 -11.06 -5.19 -12.46
C LYS A 100 -11.66 -3.78 -12.38
N SER A 101 -12.27 -3.45 -11.24
CA SER A 101 -12.89 -2.14 -11.02
C SER A 101 -11.96 -0.98 -11.40
N ALA A 102 -10.70 -1.31 -11.62
CA ALA A 102 -9.67 -0.35 -12.00
C ALA A 102 -10.13 0.49 -13.18
N VAL A 112 -29.32 11.09 -8.49
CA VAL A 112 -29.45 10.82 -7.06
C VAL A 112 -28.70 9.56 -6.67
N LYS A 113 -27.91 9.04 -7.60
CA LYS A 113 -27.11 7.84 -7.36
C LYS A 113 -25.71 8.06 -7.89
N ASP A 114 -24.73 7.73 -7.06
CA ASP A 114 -23.34 7.90 -7.46
C ASP A 114 -22.51 6.71 -7.02
N VAL A 115 -21.41 6.48 -7.73
CA VAL A 115 -20.52 5.40 -7.40
C VAL A 115 -19.57 5.95 -6.36
N LEU A 116 -19.56 5.35 -5.18
CA LEU A 116 -18.65 5.81 -4.14
C LEU A 116 -17.47 4.86 -4.09
N THR A 117 -16.27 5.38 -4.31
CA THR A 117 -15.09 4.55 -4.25
C THR A 117 -14.52 4.69 -2.85
N PHE A 118 -14.60 3.62 -2.07
CA PHE A 118 -14.07 3.68 -0.70
C PHE A 118 -13.65 2.32 -0.22
N LEU A 119 -12.86 2.32 0.85
CA LEU A 119 -12.38 1.09 1.45
C LEU A 119 -12.97 0.94 2.84
N ARG A 120 -13.69 -0.16 3.05
CA ARG A 120 -14.33 -0.43 4.32
C ARG A 120 -13.42 -1.31 5.17
N ILE A 121 -13.01 -0.79 6.32
CA ILE A 121 -12.13 -1.50 7.23
C ILE A 121 -12.73 -1.63 8.62
N HIS A 122 -12.60 -2.82 9.21
CA HIS A 122 -13.13 -3.09 10.53
C HIS A 122 -12.00 -3.54 11.47
N LEU A 123 -11.91 -2.90 12.63
CA LEU A 123 -10.89 -3.24 13.62
C LEU A 123 -11.49 -4.35 14.49
N VAL A 124 -10.81 -5.49 14.53
CA VAL A 124 -11.29 -6.65 15.30
C VAL A 124 -10.28 -7.17 16.31
N MET A 125 -10.75 -7.96 17.28
CA MET A 125 -9.88 -8.55 18.29
C MET A 125 -10.20 -10.04 18.43
N GLY A 126 -9.29 -10.77 19.06
CA GLY A 126 -9.50 -12.20 19.24
C GLY A 126 -8.32 -12.88 19.91
N ASP A 127 -8.47 -14.18 20.19
CA ASP A 127 -7.42 -14.95 20.84
C ASP A 127 -6.63 -15.78 19.84
N SER A 128 -7.34 -16.35 18.87
CA SER A 128 -6.69 -17.16 17.84
C SER A 128 -6.32 -16.28 16.66
N LEU A 129 -5.08 -15.79 16.66
CA LEU A 129 -4.59 -14.94 15.59
C LEU A 129 -4.69 -15.67 14.26
N PRO A 130 -5.27 -15.03 13.23
CA PRO A 130 -5.43 -15.61 11.90
C PRO A 130 -4.11 -15.94 11.20
N PRO A 131 -4.12 -16.97 10.35
CA PRO A 131 -2.95 -17.43 9.60
C PRO A 131 -2.26 -16.36 8.75
N THR A 132 -0.96 -16.18 9.02
CA THR A 132 -0.10 -15.22 8.33
C THR A 132 -0.33 -13.76 8.71
N ILE A 133 -1.34 -13.50 9.54
CA ILE A 133 -1.64 -12.13 9.95
C ILE A 133 -0.73 -11.65 11.08
N ILE A 134 -0.05 -10.53 10.83
CA ILE A 134 0.82 -9.93 11.84
C ILE A 134 -0.11 -9.01 12.64
N PRO A 135 -0.26 -9.27 13.94
CA PRO A 135 -1.14 -8.45 14.79
C PRO A 135 -0.71 -7.00 14.91
N ILE A 136 -1.66 -6.12 15.21
CA ILE A 136 -1.37 -4.70 15.38
C ILE A 136 -0.69 -4.56 16.73
N ALA A 137 0.53 -4.01 16.73
CA ALA A 137 1.30 -3.88 17.96
C ALA A 137 1.06 -2.63 18.80
N SER A 138 1.57 -2.71 20.03
CA SER A 138 1.52 -1.62 20.99
C SER A 138 2.83 -0.87 20.82
N SER A 139 3.81 -1.56 20.23
CA SER A 139 5.12 -0.99 19.95
C SER A 139 4.95 0.05 18.85
N LYS A 140 5.12 1.32 19.20
CA LYS A 140 4.95 2.44 18.25
C LYS A 140 5.98 2.54 17.11
N THR A 141 6.88 1.56 17.02
CA THR A 141 7.87 1.56 15.96
C THR A 141 7.65 0.36 15.04
N GLN A 142 6.56 -0.37 15.27
CA GLN A 142 6.25 -1.56 14.48
C GLN A 142 6.27 -1.34 12.97
N ALA A 143 5.57 -0.31 12.50
CA ALA A 143 5.52 -0.03 11.07
C ALA A 143 6.88 0.42 10.53
N GLU A 144 7.50 1.37 11.20
CA GLU A 144 8.82 1.85 10.78
C GLU A 144 9.83 0.72 10.68
N LYS A 145 9.87 -0.15 11.69
CA LYS A 145 10.81 -1.27 11.67
C LYS A 145 10.57 -2.18 10.47
N PHE A 146 9.32 -2.53 10.24
CA PHE A 146 8.97 -3.40 9.12
C PHE A 146 9.29 -2.73 7.78
N TRP A 147 8.90 -1.47 7.68
CA TRP A 147 9.10 -0.68 6.46
C TRP A 147 10.57 -0.51 6.11
N PHE A 148 11.39 -0.19 7.12
CA PHE A 148 12.81 0.00 6.86
C PHE A 148 13.44 -1.33 6.43
N HIS A 149 12.93 -2.43 6.98
CA HIS A 149 13.43 -3.75 6.63
C HIS A 149 13.04 -4.07 5.18
N GLN A 150 11.93 -3.49 4.72
CA GLN A 150 11.50 -3.67 3.34
C GLN A 150 12.53 -2.99 2.44
N TRP A 151 12.91 -1.76 2.80
CA TRP A 151 13.88 -1.04 2.00
C TRP A 151 15.27 -1.63 2.02
N LYS A 152 15.61 -2.30 3.11
CA LYS A 152 16.92 -2.95 3.20
C LYS A 152 16.98 -4.08 2.17
N GLN A 153 15.89 -4.84 2.05
CA GLN A 153 15.84 -5.93 1.08
C GLN A 153 15.90 -5.33 -0.33
N VAL A 154 15.13 -4.26 -0.54
CA VAL A 154 15.08 -3.59 -1.83
C VAL A 154 16.48 -3.12 -2.25
N CYS A 155 17.20 -2.47 -1.33
CA CYS A 155 18.54 -1.99 -1.64
C CYS A 155 19.41 -3.15 -2.14
N PHE A 156 19.35 -4.27 -1.42
CA PHE A 156 20.11 -5.46 -1.77
C PHE A 156 19.70 -6.01 -3.14
N ILE A 157 18.39 -6.04 -3.40
CA ILE A 157 17.89 -6.55 -4.67
C ILE A 157 18.33 -5.65 -5.84
N LEU A 158 18.20 -4.34 -5.64
CA LEU A 158 18.57 -3.37 -6.66
C LEU A 158 20.06 -3.19 -6.89
N ASN A 159 20.83 -3.11 -5.79
CA ASN A 159 22.27 -2.90 -5.89
C ASN A 159 23.19 -4.10 -5.74
N GLY A 160 22.66 -5.21 -5.27
CA GLY A 160 23.49 -6.39 -5.06
C GLY A 160 24.05 -6.39 -3.65
N SER A 161 23.89 -5.27 -2.96
CA SER A 161 24.36 -5.14 -1.57
C SER A 161 23.46 -4.12 -0.87
N SER A 162 23.50 -4.13 0.46
CA SER A 162 22.69 -3.20 1.24
C SER A 162 23.54 -2.05 1.75
N LYS A 163 24.69 -1.84 1.13
CA LYS A 163 25.59 -0.78 1.56
C LYS A 163 25.01 0.64 1.53
N ALA A 164 24.32 0.97 0.44
CA ALA A 164 23.74 2.30 0.29
C ALA A 164 22.81 2.70 1.43
N ILE A 165 21.94 1.79 1.86
CA ILE A 165 21.00 2.12 2.92
C ILE A 165 21.64 2.08 4.31
N MET A 166 22.62 1.22 4.50
CA MET A 166 23.31 1.11 5.79
C MET A 166 24.20 2.32 6.04
N SER A 167 24.52 3.05 4.97
CA SER A 167 25.37 4.22 5.08
C SER A 167 24.63 5.51 5.43
N LEU A 168 23.31 5.45 5.45
CA LEU A 168 22.54 6.63 5.80
C LEU A 168 22.76 6.91 7.28
N SER A 169 22.69 8.16 7.70
CA SER A 169 22.86 8.47 9.11
C SER A 169 21.59 7.99 9.80
N VAL A 170 21.65 7.75 11.09
CA VAL A 170 20.48 7.30 11.83
C VAL A 170 19.33 8.27 11.59
N ASN A 171 19.59 9.57 11.74
CA ASN A 171 18.55 10.57 11.54
C ASN A 171 18.06 10.65 10.10
N GLU A 172 18.89 10.26 9.14
CA GLU A 172 18.49 10.30 7.75
C GLU A 172 17.40 9.24 7.55
N ALA A 173 17.62 8.08 8.16
CA ALA A 173 16.67 6.97 8.08
C ALA A 173 15.36 7.33 8.77
N ARG A 174 15.44 8.03 9.89
CA ARG A 174 14.25 8.43 10.63
C ARG A 174 13.48 9.44 9.81
N LYS A 175 14.22 10.32 9.15
CA LYS A 175 13.65 11.36 8.31
C LYS A 175 12.92 10.71 7.12
N PHE A 176 13.47 9.61 6.64
CA PHE A 176 12.89 8.87 5.52
C PHE A 176 11.50 8.39 5.93
N TRP A 177 11.42 7.66 7.04
CA TRP A 177 10.13 7.17 7.54
C TRP A 177 9.21 8.35 7.87
N GLY A 178 9.80 9.38 8.45
CA GLY A 178 9.03 10.55 8.82
C GLY A 178 8.25 11.18 7.68
N SER A 179 8.86 11.21 6.51
CA SER A 179 8.21 11.78 5.33
C SER A 179 6.92 11.05 4.99
N VAL A 180 6.83 9.77 5.34
CA VAL A 180 5.63 8.99 5.07
C VAL A 180 4.45 9.48 5.91
N ILE A 181 4.73 9.89 7.14
CA ILE A 181 3.71 10.38 8.04
C ILE A 181 3.33 11.82 7.71
N THR A 182 4.34 12.66 7.52
CA THR A 182 4.11 14.06 7.21
C THR A 182 3.73 14.32 5.75
N ARG A 183 4.01 13.34 4.89
CA ARG A 183 3.72 13.46 3.46
C ARG A 183 4.68 14.46 2.82
N ASN A 184 5.92 14.46 3.28
CA ASN A 184 6.94 15.36 2.73
C ASN A 184 7.54 14.68 1.51
N PHE A 185 6.98 14.99 0.34
CA PHE A 185 7.41 14.42 -0.92
C PHE A 185 8.91 14.62 -1.17
N GLN A 186 9.38 15.84 -0.95
CA GLN A 186 10.78 16.16 -1.18
C GLN A 186 11.73 15.28 -0.39
N ASP A 187 11.46 15.10 0.90
CA ASP A 187 12.32 14.26 1.72
C ASP A 187 12.27 12.80 1.23
N PHE A 188 11.08 12.31 0.93
CA PHE A 188 10.94 10.93 0.49
C PHE A 188 11.75 10.68 -0.79
N ILE A 189 11.58 11.55 -1.78
CA ILE A 189 12.30 11.43 -3.03
C ILE A 189 13.81 11.51 -2.80
N GLU A 190 14.22 12.41 -1.93
CA GLU A 190 15.62 12.60 -1.62
C GLU A 190 16.29 11.33 -1.10
N ILE A 191 15.71 10.73 -0.06
CA ILE A 191 16.30 9.54 0.51
C ILE A 191 16.13 8.28 -0.35
N SER A 192 14.95 8.06 -0.91
CA SER A 192 14.73 6.88 -1.73
C SER A 192 15.71 6.83 -2.89
N ASN A 193 15.96 7.98 -3.51
CA ASN A 193 16.90 8.05 -4.62
C ASN A 193 18.33 7.75 -4.16
N LYS A 194 18.68 8.19 -2.96
CA LYS A 194 20.01 7.94 -2.42
C LYS A 194 20.30 6.47 -2.22
N ILE A 195 19.27 5.71 -1.86
CA ILE A 195 19.41 4.28 -1.63
C ILE A 195 19.78 3.58 -2.93
N SER A 196 19.25 4.08 -4.03
CA SER A 196 19.55 3.53 -5.35
C SER A 196 19.00 4.40 -6.47
N SER A 197 19.89 4.81 -7.37
CA SER A 197 19.52 5.64 -8.51
C SER A 197 20.18 5.10 -9.77
N SER A 198 20.83 3.95 -9.63
CA SER A 198 21.51 3.29 -10.74
C SER A 198 20.57 2.27 -11.38
N ARG A 199 21.02 1.61 -12.44
CA ARG A 199 20.19 0.61 -13.12
C ARG A 199 20.22 -0.70 -12.33
N PRO A 200 19.04 -1.20 -11.95
CA PRO A 200 18.81 -2.42 -11.19
C PRO A 200 19.54 -3.70 -11.62
N ARG A 201 20.01 -4.46 -10.63
CA ARG A 201 20.67 -5.73 -10.89
C ARG A 201 19.53 -6.75 -10.95
N HIS A 202 18.50 -6.51 -10.14
CA HIS A 202 17.30 -7.35 -10.07
C HIS A 202 16.13 -6.42 -9.79
N ILE A 203 14.91 -6.88 -10.09
CA ILE A 203 13.73 -6.05 -9.81
C ILE A 203 12.95 -6.54 -8.59
N PRO A 204 12.72 -5.67 -7.61
CA PRO A 204 11.97 -6.00 -6.40
C PRO A 204 10.51 -6.03 -6.84
N LEU A 205 10.04 -7.21 -7.21
CA LEU A 205 8.68 -7.37 -7.70
C LEU A 205 7.87 -8.37 -6.89
N ILE A 206 6.65 -7.98 -6.55
CA ILE A 206 5.74 -8.84 -5.82
C ILE A 206 4.50 -8.95 -6.72
N ILE A 207 4.06 -10.18 -6.94
CA ILE A 207 2.89 -10.43 -7.79
C ILE A 207 1.80 -11.07 -6.96
N GLN A 208 0.60 -10.49 -7.01
CA GLN A 208 -0.52 -11.02 -6.23
C GLN A 208 -1.78 -11.10 -7.07
N THR A 209 -2.73 -11.92 -6.60
CA THR A 209 -4.03 -12.05 -7.26
C THR A 209 -5.02 -11.36 -6.34
N SER A 210 -6.25 -11.86 -6.27
CA SER A 210 -7.26 -11.24 -5.41
C SER A 210 -7.49 -11.89 -4.04
N ARG A 211 -7.80 -11.05 -3.05
CA ARG A 211 -8.10 -11.50 -1.70
C ARG A 211 -9.62 -11.55 -1.64
N THR A 212 -10.24 -10.97 -2.66
CA THR A 212 -11.69 -10.92 -2.76
C THR A 212 -12.20 -12.16 -3.47
N SER A 213 -11.79 -12.34 -4.72
CA SER A 213 -12.25 -13.48 -5.51
C SER A 213 -11.21 -14.59 -5.66
N GLY A 214 -11.69 -15.82 -5.61
CA GLY A 214 -10.84 -16.99 -5.77
C GLY A 214 -9.80 -17.30 -4.71
N THR A 215 -8.84 -18.13 -5.09
CA THR A 215 -7.78 -18.51 -4.18
C THR A 215 -6.62 -17.54 -4.33
N PHE A 216 -6.45 -16.68 -3.33
CA PHE A 216 -5.39 -15.68 -3.33
C PHE A 216 -3.98 -16.26 -3.27
N ARG A 217 -3.06 -15.66 -4.02
CA ARG A 217 -1.67 -16.09 -4.00
C ARG A 217 -0.75 -14.90 -4.23
N ILE A 218 0.46 -15.02 -3.74
CA ILE A 218 1.45 -13.96 -3.84
C ILE A 218 2.83 -14.59 -4.07
N SER A 219 3.63 -13.95 -4.88
CA SER A 219 4.96 -14.46 -5.18
C SER A 219 5.95 -13.31 -5.37
N GLN A 220 7.22 -13.63 -5.23
CA GLN A 220 8.29 -12.64 -5.39
C GLN A 220 9.36 -13.31 -6.22
N PRO A 221 9.15 -13.40 -7.54
CA PRO A 221 10.07 -14.03 -8.48
C PRO A 221 11.38 -13.26 -8.63
N THR A 222 12.47 -13.99 -8.85
CA THR A 222 13.77 -13.39 -9.04
C THR A 222 13.86 -12.99 -10.52
N ILE A 223 14.09 -11.72 -10.78
CA ILE A 223 14.19 -11.23 -12.15
C ILE A 223 15.46 -10.43 -12.38
N SER A 224 16.41 -11.04 -13.08
CA SER A 224 17.69 -10.41 -13.37
C SER A 224 17.54 -9.28 -14.40
N MET A 225 18.22 -8.16 -14.17
CA MET A 225 18.14 -7.02 -15.07
C MET A 225 19.48 -6.66 -15.71
N THR A 226 20.54 -7.31 -15.26
CA THR A 226 21.86 -7.03 -15.78
C THR A 226 21.96 -7.31 -17.28
N GLY A 227 22.23 -6.25 -18.05
CA GLY A 227 22.38 -6.40 -19.49
C GLY A 227 21.13 -6.66 -20.31
N VAL A 228 19.96 -6.58 -19.67
CA VAL A 228 18.70 -6.81 -20.37
C VAL A 228 17.68 -5.72 -20.08
N ASN A 229 16.62 -5.68 -20.88
CA ASN A 229 15.60 -4.65 -20.73
C ASN A 229 14.25 -5.31 -21.04
N PRO A 230 13.84 -6.26 -20.20
CA PRO A 230 12.56 -6.96 -20.41
C PRO A 230 11.28 -6.15 -20.27
N THR A 231 10.27 -6.59 -21.01
CA THR A 231 8.95 -6.00 -20.98
C THR A 231 8.14 -6.94 -20.08
N LEU A 232 6.91 -6.57 -19.73
CA LEU A 232 6.10 -7.45 -18.90
C LEU A 232 5.88 -8.79 -19.63
N LYS A 233 5.69 -8.71 -20.94
CA LYS A 233 5.49 -9.93 -21.74
C LYS A 233 6.70 -10.84 -21.62
N ASP A 234 7.88 -10.23 -21.61
CA ASP A 234 9.13 -10.98 -21.49
C ASP A 234 9.21 -11.81 -20.22
N ILE A 235 8.52 -11.38 -19.17
CA ILE A 235 8.55 -12.13 -17.93
C ILE A 235 7.23 -12.84 -17.69
N GLU A 236 6.54 -13.14 -18.78
CA GLU A 236 5.24 -13.82 -18.74
C GLU A 236 5.38 -15.16 -18.01
N GLY A 237 6.60 -15.68 -17.96
CA GLY A 237 6.85 -16.95 -17.29
C GLY A 237 6.75 -16.86 -15.78
N ASP A 238 6.89 -15.64 -15.25
CA ASP A 238 6.79 -15.42 -13.80
C ASP A 238 5.39 -14.99 -13.44
N ILE A 239 4.70 -14.42 -14.42
CA ILE A 239 3.35 -13.93 -14.19
C ILE A 239 2.27 -14.99 -14.36
N LEU A 240 2.33 -15.74 -15.45
CA LEU A 240 1.34 -16.78 -15.71
C LEU A 240 1.70 -18.06 -14.96
N ASP A 241 0.70 -18.86 -14.64
CA ASP A 241 0.95 -20.10 -13.92
C ASP A 241 0.95 -21.29 -14.87
N VAL A 242 1.37 -22.43 -14.36
CA VAL A 242 1.43 -23.66 -15.14
C VAL A 242 0.16 -23.89 -15.94
N LYS A 243 -0.98 -23.67 -15.32
CA LYS A 243 -2.26 -23.87 -15.98
C LYS A 243 -2.41 -22.90 -17.17
N GLU A 244 -1.83 -21.71 -17.04
CA GLU A 244 -1.90 -20.70 -18.10
C GLU A 244 -0.85 -20.89 -19.19
N GLY A 245 0.28 -21.50 -18.83
CA GLY A 245 1.34 -21.73 -19.78
C GLY A 245 1.86 -20.47 -20.44
N ASP A 250 -5.92 -13.71 -20.82
CA ASP A 250 -7.10 -13.54 -19.99
C ASP A 250 -6.74 -12.93 -18.64
N VAL A 251 -5.52 -12.41 -18.56
CA VAL A 251 -5.04 -11.79 -17.34
C VAL A 251 -4.80 -10.32 -17.60
N MET A 252 -5.23 -9.47 -16.68
CA MET A 252 -4.98 -8.03 -16.80
C MET A 252 -4.02 -7.68 -15.67
N VAL A 253 -3.03 -6.87 -15.98
CA VAL A 253 -2.05 -6.45 -14.98
C VAL A 253 -2.43 -5.08 -14.45
N ILE A 254 -2.60 -4.99 -13.13
CA ILE A 254 -2.95 -3.75 -12.47
C ILE A 254 -1.81 -3.33 -11.55
N CYS A 255 -1.32 -2.12 -11.74
CA CYS A 255 -0.24 -1.58 -10.93
C CYS A 255 -0.67 -0.19 -10.51
N GLN A 256 -0.58 0.12 -9.22
CA GLN A 256 -0.96 1.44 -8.75
C GLN A 256 -2.37 1.80 -9.22
N GLY A 257 -3.28 0.83 -9.14
CA GLY A 257 -4.65 1.06 -9.53
C GLY A 257 -4.97 1.28 -10.99
N ILE A 258 -3.99 1.13 -11.88
CA ILE A 258 -4.27 1.33 -13.31
C ILE A 258 -3.85 0.12 -14.15
N GLU A 259 -4.36 0.07 -15.38
CA GLU A 259 -4.06 -1.02 -16.30
C GLU A 259 -2.70 -0.80 -16.96
N ILE A 260 -1.87 -1.85 -16.98
CA ILE A 260 -0.56 -1.77 -17.58
C ILE A 260 -0.47 -2.66 -18.83
N PRO A 261 -0.03 -2.10 -19.96
CA PRO A 261 0.10 -2.84 -21.22
C PRO A 261 1.21 -3.88 -21.13
N TRP A 262 1.07 -5.00 -21.85
CA TRP A 262 2.10 -6.04 -21.83
C TRP A 262 3.44 -5.59 -22.41
N HIS A 263 3.42 -4.61 -23.31
CA HIS A 263 4.68 -4.15 -23.90
C HIS A 263 5.45 -3.19 -23.00
N MET A 264 4.86 -2.85 -21.85
CA MET A 264 5.53 -1.95 -20.92
C MET A 264 6.85 -2.53 -20.44
N LEU A 265 7.90 -1.70 -20.42
CA LEU A 265 9.22 -2.11 -19.97
C LEU A 265 9.25 -2.24 -18.46
N LEU A 266 9.75 -3.36 -17.95
CA LEU A 266 9.80 -3.60 -16.51
C LEU A 266 10.63 -2.56 -15.75
N TYR A 267 11.76 -2.14 -16.30
CA TYR A 267 12.57 -1.14 -15.61
C TYR A 267 11.76 0.15 -15.44
N ASP A 268 11.09 0.56 -16.51
CA ASP A 268 10.26 1.77 -16.47
C ASP A 268 9.17 1.62 -15.43
N LEU A 269 8.46 0.49 -15.49
CA LEU A 269 7.38 0.24 -14.55
C LEU A 269 7.89 0.35 -13.12
N TYR A 270 8.96 -0.37 -12.81
CA TYR A 270 9.51 -0.31 -11.46
C TYR A 270 9.96 1.10 -11.05
N SER A 271 10.85 1.68 -11.84
CA SER A 271 11.38 3.00 -11.51
C SER A 271 10.33 4.08 -11.33
N LYS A 272 9.17 3.92 -11.98
CA LYS A 272 8.13 4.94 -11.87
C LYS A 272 6.94 4.59 -11.00
N LEU A 273 6.50 3.34 -11.05
CA LEU A 273 5.33 2.94 -10.28
C LEU A 273 5.56 2.11 -9.01
N ARG A 274 6.81 1.93 -8.59
CA ARG A 274 7.04 1.15 -7.37
C ARG A 274 6.34 1.85 -6.21
N SER A 275 5.97 1.08 -5.19
CA SER A 275 5.28 1.63 -4.02
C SER A 275 6.27 2.25 -3.03
N PHE A 276 5.74 2.87 -1.98
CA PHE A 276 6.56 3.55 -0.98
C PHE A 276 7.46 2.67 -0.11
N ASP A 277 7.32 1.36 -0.22
CA ASP A 277 8.18 0.46 0.56
C ASP A 277 9.31 -0.06 -0.33
N GLY A 278 9.41 0.49 -1.54
CA GLY A 278 10.47 0.09 -2.45
C GLY A 278 10.14 -1.05 -3.40
N PHE A 279 9.06 -1.76 -3.14
CA PHE A 279 8.66 -2.87 -4.01
C PHE A 279 7.64 -2.46 -5.05
N LEU A 280 7.74 -3.05 -6.23
CA LEU A 280 6.77 -2.81 -7.30
C LEU A 280 5.76 -3.93 -7.10
N TYR A 281 4.48 -3.57 -7.02
CA TYR A 281 3.43 -4.57 -6.84
C TYR A 281 2.51 -4.63 -8.05
N ILE A 282 2.26 -5.83 -8.54
CA ILE A 282 1.30 -5.94 -9.63
C ILE A 282 0.20 -6.87 -9.15
N THR A 283 -1.03 -6.55 -9.55
CA THR A 283 -2.18 -7.34 -9.17
C THR A 283 -2.78 -7.93 -10.44
N LEU A 284 -2.91 -9.25 -10.47
CA LEU A 284 -3.46 -9.93 -11.62
C LEU A 284 -4.96 -10.11 -11.46
N VAL A 285 -5.73 -9.65 -12.43
CA VAL A 285 -7.17 -9.79 -12.38
C VAL A 285 -7.71 -10.40 -13.68
N PRO A 286 -8.69 -11.30 -13.56
CA PRO A 286 -9.23 -11.91 -14.78
C PRO A 286 -9.95 -10.89 -15.63
N ILE A 287 -9.77 -10.96 -16.95
CA ILE A 287 -10.44 -10.02 -17.85
C ILE A 287 -11.86 -10.49 -18.12
N LYS A 288 -12.00 -11.76 -18.49
CA LYS A 288 -13.33 -12.31 -18.75
C LYS A 288 -13.68 -13.37 -17.70
N ASP B 22 7.56 8.45 -23.71
CA ASP B 22 6.80 9.70 -23.39
C ASP B 22 5.31 9.48 -23.61
N SER B 23 4.96 8.74 -24.64
CA SER B 23 3.55 8.46 -24.93
C SER B 23 3.11 7.44 -23.90
N MET B 24 4.06 6.63 -23.45
CA MET B 24 3.79 5.63 -22.42
C MET B 24 3.68 6.41 -21.12
N ASP B 25 4.57 7.38 -20.96
CA ASP B 25 4.57 8.24 -19.79
C ASP B 25 3.30 9.07 -19.81
N ASP B 26 2.86 9.44 -21.02
CA ASP B 26 1.64 10.21 -21.18
C ASP B 26 0.46 9.33 -20.82
N LEU B 27 0.58 8.04 -21.11
CA LEU B 27 -0.47 7.08 -20.80
C LEU B 27 -0.55 6.93 -19.28
N LEU B 28 0.60 6.84 -18.65
CA LEU B 28 0.68 6.69 -17.19
C LEU B 28 0.03 7.89 -16.50
N ILE B 29 0.48 9.08 -16.86
CA ILE B 29 -0.05 10.30 -16.27
C ILE B 29 -1.56 10.40 -16.45
N ARG B 30 -2.03 10.12 -17.65
CA ARG B 30 -3.45 10.18 -17.94
C ARG B 30 -4.25 9.22 -17.04
N ARG B 31 -3.83 7.96 -16.98
CA ARG B 31 -4.53 6.98 -16.15
C ARG B 31 -4.42 7.25 -14.66
N LEU B 32 -3.26 7.74 -14.21
CA LEU B 32 -3.06 8.02 -12.79
C LEU B 32 -3.85 9.25 -12.35
N THR B 33 -3.95 10.23 -13.24
CA THR B 33 -4.70 11.45 -12.94
C THR B 33 -6.18 11.08 -12.82
N ASP B 34 -6.64 10.25 -13.75
CA ASP B 34 -8.02 9.82 -13.76
C ASP B 34 -8.31 9.01 -12.50
N ARG B 35 -7.35 8.17 -12.13
CA ARG B 35 -7.47 7.35 -10.93
C ARG B 35 -7.68 8.23 -9.70
N ASN B 36 -6.80 9.21 -9.53
CA ASN B 36 -6.88 10.12 -8.39
C ASN B 36 -8.20 10.89 -8.36
N ASP B 37 -8.68 11.31 -9.53
CA ASP B 37 -9.93 12.04 -9.63
C ASP B 37 -11.08 11.18 -9.13
N LYS B 38 -11.18 9.96 -9.68
CA LYS B 38 -12.22 9.03 -9.29
C LYS B 38 -12.19 8.70 -7.81
N GLU B 39 -10.98 8.45 -7.29
CA GLU B 39 -10.81 8.11 -5.88
C GLU B 39 -11.01 9.31 -4.95
N ALA B 40 -10.95 10.51 -5.51
CA ALA B 40 -11.13 11.73 -4.73
C ALA B 40 -12.61 12.16 -4.68
N HIS B 41 -13.43 11.56 -5.54
CA HIS B 41 -14.85 11.88 -5.60
C HIS B 41 -15.53 11.65 -4.26
N LEU B 42 -16.28 12.65 -3.80
CA LEU B 42 -17.00 12.59 -2.53
C LEU B 42 -16.09 12.54 -1.31
N ASN B 43 -14.89 13.11 -1.45
CA ASN B 43 -13.95 13.13 -0.33
C ASN B 43 -14.52 13.98 0.82
N GLU B 44 -15.48 14.84 0.51
CA GLU B 44 -16.09 15.69 1.52
C GLU B 44 -16.76 14.85 2.62
N LEU B 45 -17.09 13.60 2.28
CA LEU B 45 -17.73 12.72 3.25
C LEU B 45 -16.73 12.01 4.15
N PHE B 46 -15.44 12.20 3.89
CA PHE B 46 -14.39 11.54 4.67
C PHE B 46 -13.38 12.59 5.17
N GLN B 47 -13.85 13.47 6.04
CA GLN B 47 -13.01 14.55 6.56
C GLN B 47 -12.64 14.46 8.04
N ASP B 48 -12.88 13.31 8.66
CA ASP B 48 -12.58 13.17 10.09
C ASP B 48 -11.10 13.39 10.45
N ASN B 49 -10.19 13.23 9.48
CA ASN B 49 -8.77 13.44 9.73
C ASN B 49 -8.21 14.53 8.82
N SER B 50 -9.07 15.48 8.46
CA SER B 50 -8.69 16.58 7.58
C SER B 50 -7.38 17.28 7.95
N GLY B 51 -7.03 17.29 9.23
CA GLY B 51 -5.80 17.95 9.63
C GLY B 51 -4.61 17.02 9.78
N ALA B 52 -4.83 15.72 9.59
CA ALA B 52 -3.76 14.74 9.72
C ALA B 52 -3.94 13.61 8.70
N ILE B 53 -3.81 13.95 7.43
CA ILE B 53 -3.97 12.98 6.34
C ILE B 53 -3.10 11.74 6.54
N GLY B 54 -1.81 11.97 6.81
CA GLY B 54 -0.87 10.86 6.98
C GLY B 54 -0.91 10.12 8.30
N GLY B 55 -1.85 10.47 9.17
CA GLY B 55 -1.93 9.79 10.45
C GLY B 55 -0.99 10.41 11.46
N ASN B 56 -0.46 9.61 12.37
CA ASN B 56 0.43 10.12 13.40
C ASN B 56 1.51 9.14 13.82
N ILE B 57 2.57 9.67 14.42
CA ILE B 57 3.70 8.88 14.91
C ILE B 57 3.26 7.87 15.95
#